data_7UYK
#
_entry.id   7UYK
#
_cell.length_a   127.730
_cell.length_b   70.140
_cell.length_c   89.220
_cell.angle_alpha   90.000
_cell.angle_beta   134.180
_cell.angle_gamma   90.000
#
_symmetry.space_group_name_H-M   'C 1 2 1'
#
loop_
_entity.id
_entity.type
_entity.pdbx_description
1 polymer 'E3 ubiquitin-protein ligase RNF31'
2 polymer 'Helicon FP06655'
3 non-polymer 'AMINO GROUP'
4 non-polymer "N,N'-(1,4-phenylene)diacetamide"
5 water water
#
loop_
_entity_poly.entity_id
_entity_poly.type
_entity_poly.pdbx_seq_one_letter_code
_entity_poly.pdbx_strand_id
1 'polypeptide(L)'
;GPGSEFRQDKMREEGLQLVSMIREGEAAGACPEEIFSALQYSGTEVPLQWLRSELPYVLEMVAELAGQQDPGLGAFSCQE
ARRAWLDRHGNLDEAVEECVRTRRRKVQELQSLGFGPEEGSLQALFQHGGDVSRALTELQRQRLEPFRQRLWDSGPEPTP
SWDGPD
;
A,B
2 'polypeptide(L)' DPAMQRCFSAAVYCAIS D,C
#
loop_
_chem_comp.id
_chem_comp.type
_chem_comp.name
_chem_comp.formula
NH2 non-polymer 'AMINO GROUP' 'H2 N'
WHL non-polymer N,N'-(1,4-phenylene)diacetamide 'C10 H12 N2 O2'
#
# COMPACT_ATOMS: atom_id res chain seq x y z
N GLU A 14 -24.48 17.27 11.35
CA GLU A 14 -23.26 16.47 11.43
C GLU A 14 -22.02 17.34 11.56
N GLY A 15 -21.45 17.38 12.76
CA GLY A 15 -20.25 18.14 13.00
C GLY A 15 -19.02 17.60 12.31
N LEU A 16 -18.82 17.98 11.05
CA LEU A 16 -17.67 17.57 10.27
C LEU A 16 -16.39 18.29 10.67
N GLN A 17 -16.40 19.03 11.79
CA GLN A 17 -15.18 19.66 12.29
C GLN A 17 -14.11 18.63 12.61
N LEU A 18 -14.51 17.43 13.05
CA LEU A 18 -13.55 16.42 13.48
C LEU A 18 -12.61 16.01 12.35
N VAL A 19 -13.17 15.64 11.20
CA VAL A 19 -12.33 15.06 10.14
C VAL A 19 -11.41 16.11 9.53
N SER A 20 -11.84 17.38 9.50
CA SER A 20 -10.94 18.42 9.03
C SER A 20 -9.80 18.63 10.02
N MET A 21 -10.10 18.60 11.32
CA MET A 21 -9.04 18.66 12.32
C MET A 21 -8.13 17.43 12.25
N ILE A 22 -8.73 16.26 12.05
CA ILE A 22 -7.92 15.04 11.89
C ILE A 22 -7.08 15.15 10.63
N ARG A 23 -7.60 15.80 9.58
CA ARG A 23 -6.83 16.01 8.36
C ARG A 23 -5.74 17.06 8.55
N GLU A 24 -5.96 17.98 9.50
CA GLU A 24 -4.88 18.87 9.94
C GLU A 24 -3.75 18.06 10.57
N GLY A 25 -4.09 17.14 11.48
CA GLY A 25 -3.08 16.31 12.11
C GLY A 25 -2.24 15.54 11.13
N GLU A 26 -2.86 15.05 10.05
CA GLU A 26 -2.10 14.40 8.99
C GLU A 26 -1.16 15.38 8.31
N ALA A 27 -1.63 16.61 8.07
CA ALA A 27 -0.76 17.62 7.46
C ALA A 27 0.42 17.94 8.37
N ALA A 28 0.15 18.20 9.65
CA ALA A 28 1.24 18.47 10.59
C ALA A 28 2.13 17.24 10.77
N GLY A 29 1.58 16.05 10.53
CA GLY A 29 2.36 14.83 10.66
C GLY A 29 2.14 14.09 11.97
N ALA A 30 0.91 14.05 12.43
CA ALA A 30 0.57 13.35 13.66
C ALA A 30 0.28 11.88 13.38
N CYS A 31 0.62 11.04 14.34
CA CYS A 31 0.44 9.60 14.17
C CYS A 31 -1.04 9.26 14.24
N PRO A 32 -1.54 8.40 13.34
CA PRO A 32 -2.97 8.01 13.40
C PRO A 32 -3.36 7.35 14.72
N GLU A 33 -2.49 6.51 15.30
CA GLU A 33 -2.80 5.90 16.59
C GLU A 33 -2.96 6.98 17.66
N GLU A 34 -2.08 7.99 17.66
CA GLU A 34 -2.16 9.05 18.64
C GLU A 34 -3.44 9.86 18.50
N ILE A 35 -3.82 10.20 17.26
CA ILE A 35 -5.10 10.86 17.02
C ILE A 35 -6.23 10.00 17.58
N PHE A 36 -6.20 8.69 17.29
CA PHE A 36 -7.28 7.82 17.73
C PHE A 36 -7.31 7.68 19.25
N SER A 37 -6.14 7.44 19.86
CA SER A 37 -6.08 7.26 21.32
C SER A 37 -6.52 8.52 22.05
N ALA A 38 -6.15 9.70 21.55
CA ALA A 38 -6.58 10.94 22.18
C ALA A 38 -8.09 11.12 22.06
N LEU A 39 -8.66 10.81 20.89
CA LEU A 39 -10.09 10.91 20.73
C LEU A 39 -10.83 9.97 21.67
N GLN A 40 -10.26 8.79 21.92
CA GLN A 40 -10.90 7.83 22.81
C GLN A 40 -10.79 8.28 24.26
N TYR A 41 -9.66 8.89 24.64
CA TYR A 41 -9.52 9.45 25.98
C TYR A 41 -10.41 10.65 26.20
N SER A 42 -10.77 11.38 25.13
CA SER A 42 -11.65 12.53 25.22
C SER A 42 -13.12 12.15 25.20
N GLY A 43 -13.44 10.87 25.14
CA GLY A 43 -14.82 10.45 24.95
C GLY A 43 -15.47 10.91 23.67
N THR A 44 -14.67 11.25 22.65
CA THR A 44 -15.19 11.73 21.37
C THR A 44 -15.41 10.55 20.44
N GLU A 45 -16.58 10.52 19.78
CA GLU A 45 -16.85 9.50 18.78
C GLU A 45 -15.89 9.66 17.61
N VAL A 46 -15.12 8.61 17.34
CA VAL A 46 -14.16 8.66 16.23
C VAL A 46 -14.90 8.38 14.92
N PRO A 47 -14.74 9.23 13.91
CA PRO A 47 -15.46 9.01 12.64
C PRO A 47 -14.99 7.72 11.97
N LEU A 48 -15.94 6.81 11.74
CA LEU A 48 -15.61 5.52 11.15
C LEU A 48 -15.02 5.68 9.75
N GLN A 49 -15.43 6.73 9.03
CA GLN A 49 -14.88 6.98 7.70
C GLN A 49 -13.38 7.21 7.74
N TRP A 50 -12.88 7.84 8.82
CA TRP A 50 -11.44 8.05 8.92
C TRP A 50 -10.70 6.77 9.27
N LEU A 51 -11.26 5.98 10.19
CA LEU A 51 -10.63 4.70 10.55
C LEU A 51 -10.53 3.78 9.34
N ARG A 52 -11.61 3.66 8.58
CA ARG A 52 -11.58 2.83 7.39
C ARG A 52 -10.56 3.34 6.38
N SER A 53 -10.44 4.65 6.24
CA SER A 53 -9.50 5.25 5.32
C SER A 53 -8.05 5.11 5.76
N GLU A 54 -7.80 4.68 7.00
CA GLU A 54 -6.46 4.44 7.50
C GLU A 54 -6.08 2.96 7.47
N LEU A 55 -6.83 2.16 6.71
CA LEU A 55 -6.45 0.77 6.51
C LEU A 55 -5.10 0.60 5.84
N PRO A 56 -4.74 1.34 4.77
CA PRO A 56 -3.40 1.18 4.21
C PRO A 56 -2.29 1.45 5.20
N TYR A 57 -2.50 2.39 6.14
CA TYR A 57 -1.51 2.63 7.17
C TYR A 57 -1.33 1.40 8.06
N VAL A 58 -2.43 0.75 8.44
CA VAL A 58 -2.35 -0.44 9.29
C VAL A 58 -1.64 -1.56 8.56
N LEU A 59 -1.91 -1.72 7.26
CA LEU A 59 -1.28 -2.78 6.49
C LEU A 59 0.22 -2.54 6.31
N GLU A 60 0.61 -1.29 6.09
CA GLU A 60 2.03 -0.97 6.08
C GLU A 60 2.66 -1.21 7.44
N MET A 61 1.89 -0.99 8.51
CA MET A 61 2.35 -1.32 9.86
C MET A 61 2.55 -2.82 10.02
N VAL A 62 1.59 -3.62 9.54
CA VAL A 62 1.73 -5.08 9.59
C VAL A 62 2.95 -5.54 8.81
N ALA A 63 3.20 -4.95 7.64
CA ALA A 63 4.24 -5.45 6.75
C ALA A 63 5.63 -5.18 7.31
N GLU A 64 5.89 -3.98 7.81
CA GLU A 64 7.22 -3.68 8.32
C GLU A 64 7.49 -4.38 9.66
N LEU A 65 6.44 -4.57 10.48
CA LEU A 65 6.61 -5.37 11.68
C LEU A 65 6.95 -6.82 11.33
N ALA A 66 6.38 -7.33 10.23
CA ALA A 66 6.74 -8.65 9.76
C ALA A 66 8.19 -8.69 9.28
N GLY A 67 8.63 -7.62 8.63
CA GLY A 67 10.03 -7.54 8.21
C GLY A 67 10.98 -7.50 9.40
N GLN A 68 10.61 -6.79 10.46
CA GLN A 68 11.43 -6.77 11.67
C GLN A 68 11.44 -8.15 12.32
N GLN A 69 10.31 -8.84 12.30
CA GLN A 69 10.20 -10.15 12.95
C GLN A 69 11.12 -11.18 12.31
N ASP A 70 11.32 -11.11 10.99
CA ASP A 70 12.17 -12.06 10.27
C ASP A 70 12.85 -11.38 9.10
N PRO A 71 13.96 -10.69 9.34
CA PRO A 71 14.81 -10.27 8.23
C PRO A 71 15.31 -11.52 7.49
N GLY A 72 15.45 -11.40 6.19
CA GLY A 72 15.82 -12.53 5.36
C GLY A 72 14.67 -13.20 4.67
N LEU A 73 13.43 -12.81 4.98
CA LEU A 73 12.27 -13.18 4.19
C LEU A 73 11.89 -12.07 3.24
N GLY A 74 12.70 -11.02 3.17
CA GLY A 74 12.48 -9.93 2.25
C GLY A 74 11.38 -9.00 2.73
N ALA A 75 10.91 -8.19 1.79
CA ALA A 75 9.89 -7.19 2.06
C ALA A 75 8.51 -7.81 1.84
N PHE A 76 7.55 -7.39 2.67
CA PHE A 76 6.21 -7.94 2.66
C PHE A 76 5.30 -7.01 1.87
N SER A 77 4.50 -7.59 0.99
CA SER A 77 3.62 -6.81 0.13
C SER A 77 2.35 -6.41 0.87
N CYS A 78 1.68 -5.37 0.35
CA CYS A 78 0.39 -4.96 0.90
C CYS A 78 -0.64 -6.08 0.78
N GLN A 79 -0.58 -6.86 -0.29
CA GLN A 79 -1.53 -7.95 -0.47
C GLN A 79 -1.36 -9.02 0.60
N GLU A 80 -0.11 -9.38 0.92
CA GLU A 80 0.12 -10.41 1.94
C GLU A 80 -0.26 -9.92 3.33
N ALA A 81 0.05 -8.66 3.64
CA ALA A 81 -0.36 -8.09 4.91
C ALA A 81 -1.87 -8.04 5.05
N ARG A 82 -2.57 -7.68 3.97
CA ARG A 82 -4.02 -7.58 4.00
C ARG A 82 -4.67 -8.93 4.30
N ARG A 83 -4.15 -10.01 3.72
CA ARG A 83 -4.73 -11.33 3.95
C ARG A 83 -4.54 -11.77 5.40
N ALA A 84 -3.31 -11.66 5.91
CA ALA A 84 -3.05 -11.99 7.32
C ALA A 84 -3.91 -11.13 8.25
N TRP A 85 -3.94 -9.82 8.00
CA TRP A 85 -4.67 -8.91 8.89
C TRP A 85 -6.16 -9.21 8.89
N LEU A 86 -6.74 -9.44 7.70
CA LEU A 86 -8.17 -9.78 7.63
C LEU A 86 -8.45 -11.12 8.32
N ASP A 87 -7.63 -12.13 8.04
CA ASP A 87 -7.87 -13.46 8.59
C ASP A 87 -7.77 -13.47 10.10
N ARG A 88 -6.97 -12.58 10.69
CA ARG A 88 -6.80 -12.51 12.13
C ARG A 88 -7.64 -11.42 12.76
N HIS A 89 -8.56 -10.83 12.00
CA HIS A 89 -9.55 -9.89 12.54
C HIS A 89 -8.90 -8.67 13.20
N GLY A 90 -7.84 -8.17 12.59
CA GLY A 90 -7.19 -6.98 13.08
C GLY A 90 -6.30 -7.16 14.28
N ASN A 91 -6.22 -8.37 14.83
CA ASN A 91 -5.28 -8.66 15.91
C ASN A 91 -3.86 -8.47 15.38
N LEU A 92 -3.21 -7.39 15.81
CA LEU A 92 -1.95 -6.97 15.18
C LEU A 92 -0.85 -8.02 15.35
N ASP A 93 -0.70 -8.56 16.56
CA ASP A 93 0.37 -9.52 16.79
C ASP A 93 0.11 -10.83 16.05
N GLU A 94 -1.13 -11.30 16.06
CA GLU A 94 -1.47 -12.50 15.31
C GLU A 94 -1.33 -12.30 13.81
N ALA A 95 -1.64 -11.09 13.32
CA ALA A 95 -1.51 -10.81 11.90
C ALA A 95 -0.06 -10.85 11.45
N VAL A 96 0.84 -10.25 12.23
CA VAL A 96 2.26 -10.28 11.90
C VAL A 96 2.79 -11.72 11.89
N GLU A 97 2.39 -12.52 12.88
CA GLU A 97 2.88 -13.90 12.96
C GLU A 97 2.38 -14.73 11.79
N GLU A 98 1.10 -14.60 11.46
CA GLU A 98 0.57 -15.31 10.31
C GLU A 98 1.19 -14.80 9.01
N CYS A 99 1.42 -13.49 8.93
CA CYS A 99 2.12 -12.92 7.78
C CYS A 99 3.49 -13.57 7.59
N VAL A 100 4.26 -13.69 8.67
CA VAL A 100 5.60 -14.27 8.58
C VAL A 100 5.51 -15.75 8.22
N ARG A 101 4.66 -16.50 8.93
CA ARG A 101 4.55 -17.94 8.66
C ARG A 101 4.10 -18.22 7.24
N THR A 102 3.16 -17.44 6.72
CA THR A 102 2.69 -17.65 5.35
C THR A 102 3.81 -17.43 4.34
N ARG A 103 4.58 -16.34 4.52
CA ARG A 103 5.66 -16.04 3.58
C ARG A 103 6.75 -17.09 3.63
N ARG A 104 7.16 -17.51 4.83
CA ARG A 104 8.17 -18.56 4.97
C ARG A 104 7.74 -19.84 4.26
N ARG A 105 6.43 -20.15 4.26
CA ARG A 105 5.97 -21.34 3.54
C ARG A 105 6.17 -21.17 2.03
N LYS A 106 5.93 -19.97 1.53
CA LYS A 106 6.03 -19.73 0.09
C LYS A 106 7.48 -19.69 -0.36
N VAL A 107 8.33 -19.09 0.46
CA VAL A 107 9.76 -19.09 0.19
C VAL A 107 10.29 -20.52 0.16
N GLN A 108 9.76 -21.40 1.03
CA GLN A 108 10.17 -22.80 0.98
C GLN A 108 9.56 -23.50 -0.22
N GLU A 109 8.30 -23.21 -0.55
CA GLU A 109 7.70 -23.80 -1.75
C GLU A 109 8.52 -23.46 -3.00
N LEU A 110 8.90 -22.19 -3.14
CA LEU A 110 9.73 -21.79 -4.28
C LEU A 110 11.12 -22.42 -4.19
N GLN A 111 11.65 -22.52 -2.97
CA GLN A 111 12.94 -23.18 -2.78
C GLN A 111 12.91 -24.61 -3.29
N SER A 112 11.81 -25.33 -3.04
CA SER A 112 11.67 -26.70 -3.50
C SER A 112 11.63 -26.81 -5.03
N LEU A 113 11.50 -25.69 -5.74
CA LEU A 113 11.53 -25.68 -7.20
C LEU A 113 12.80 -25.02 -7.73
N GLY A 114 13.87 -25.05 -6.93
CA GLY A 114 15.15 -24.51 -7.36
C GLY A 114 15.25 -23.00 -7.38
N PHE A 115 14.38 -22.30 -6.65
CA PHE A 115 14.39 -20.84 -6.60
C PHE A 115 14.46 -20.40 -5.14
N GLY A 116 15.69 -20.23 -4.64
CA GLY A 116 15.90 -19.80 -3.29
C GLY A 116 16.03 -18.29 -3.19
N PRO A 117 16.22 -17.78 -1.97
CA PRO A 117 16.42 -16.33 -1.81
C PRO A 117 17.58 -15.78 -2.62
N GLU A 118 18.65 -16.56 -2.80
CA GLU A 118 19.79 -16.09 -3.57
C GLU A 118 19.46 -15.93 -5.06
N GLU A 119 18.47 -16.67 -5.55
CA GLU A 119 18.04 -16.58 -6.95
C GLU A 119 17.02 -15.48 -7.18
N GLY A 120 16.60 -14.76 -6.14
CA GLY A 120 15.65 -13.69 -6.28
C GLY A 120 14.22 -14.04 -5.98
N SER A 121 13.95 -15.10 -5.22
CA SER A 121 12.58 -15.50 -4.93
C SER A 121 11.92 -14.51 -3.97
N LEU A 122 12.71 -13.96 -3.04
CA LEU A 122 12.18 -13.01 -2.07
C LEU A 122 11.60 -11.77 -2.76
N GLN A 123 12.30 -11.28 -3.77
CA GLN A 123 11.85 -10.08 -4.48
C GLN A 123 10.68 -10.39 -5.41
N ALA A 124 10.64 -11.60 -5.97
CA ALA A 124 9.53 -11.98 -6.84
C ALA A 124 8.24 -12.17 -6.05
N LEU A 125 8.35 -12.66 -4.81
CA LEU A 125 7.16 -12.78 -3.96
C LEU A 125 6.62 -11.41 -3.56
N PHE A 126 7.52 -10.45 -3.31
CA PHE A 126 7.09 -9.09 -2.99
C PHE A 126 6.41 -8.45 -4.18
N GLN A 127 7.04 -8.53 -5.36
CA GLN A 127 6.52 -7.84 -6.55
C GLN A 127 5.16 -8.37 -6.99
N HIS A 128 4.78 -9.58 -6.57
CA HIS A 128 3.56 -10.22 -7.05
C HIS A 128 2.61 -10.55 -5.90
N GLY A 129 2.66 -9.77 -4.82
CA GLY A 129 1.72 -9.91 -3.72
C GLY A 129 1.70 -11.26 -3.05
N GLY A 130 2.75 -12.05 -3.21
CA GLY A 130 2.81 -13.36 -2.57
C GLY A 130 2.18 -14.50 -3.33
N ASP A 131 1.77 -14.28 -4.57
CA ASP A 131 1.25 -15.37 -5.39
C ASP A 131 2.42 -16.21 -5.88
N VAL A 132 2.45 -17.49 -5.50
CA VAL A 132 3.53 -18.38 -5.89
C VAL A 132 3.52 -18.58 -7.41
N SER A 133 2.35 -18.69 -8.01
CA SER A 133 2.28 -18.93 -9.45
C SER A 133 2.85 -17.75 -10.24
N ARG A 134 2.44 -16.52 -9.91
CA ARG A 134 2.98 -15.37 -10.62
C ARG A 134 4.48 -15.19 -10.35
N ALA A 135 4.93 -15.52 -9.14
CA ALA A 135 6.36 -15.39 -8.83
C ALA A 135 7.19 -16.43 -9.58
N LEU A 136 6.68 -17.66 -9.71
CA LEU A 136 7.41 -18.69 -10.44
C LEU A 136 7.60 -18.31 -11.90
N THR A 137 6.56 -17.77 -12.53
CA THR A 137 6.67 -17.37 -13.93
C THR A 137 7.67 -16.23 -14.10
N GLU A 138 7.71 -15.29 -13.14
CA GLU A 138 8.66 -14.20 -13.21
C GLU A 138 10.09 -14.69 -13.02
N LEU A 139 10.28 -15.70 -12.15
CA LEU A 139 11.62 -16.23 -11.92
C LEU A 139 12.12 -17.02 -13.13
N GLN A 140 11.22 -17.74 -13.79
CA GLN A 140 11.59 -18.46 -15.00
C GLN A 140 12.08 -17.50 -16.08
N ARG A 141 11.39 -16.38 -16.26
CA ARG A 141 11.82 -15.37 -17.22
C ARG A 141 13.21 -14.83 -16.90
N GLN A 142 13.48 -14.58 -15.61
CA GLN A 142 14.78 -14.06 -15.18
C GLN A 142 15.90 -15.06 -15.30
N ARG A 143 15.57 -16.34 -15.51
CA ARG A 143 16.56 -17.35 -15.88
C ARG A 143 16.77 -17.43 -17.38
N LEU A 144 15.75 -17.04 -18.15
CA LEU A 144 15.78 -17.19 -19.60
C LEU A 144 16.52 -16.03 -20.27
N GLU A 145 16.38 -14.82 -19.74
CA GLU A 145 16.99 -13.66 -20.37
C GLU A 145 18.51 -13.67 -20.28
N PRO A 146 19.12 -14.04 -19.14
CA PRO A 146 20.59 -14.22 -19.14
C PRO A 146 21.10 -15.15 -20.22
N PHE A 147 20.36 -16.22 -20.51
CA PHE A 147 20.79 -17.14 -21.57
C PHE A 147 20.64 -16.48 -22.94
N ARG A 148 19.55 -15.75 -23.14
CA ARG A 148 19.31 -15.13 -24.45
C ARG A 148 20.43 -14.15 -24.79
N GLN A 149 20.90 -13.38 -23.82
CA GLN A 149 21.91 -12.38 -24.12
C GLN A 149 23.33 -12.95 -24.06
N ARG A 150 23.53 -14.08 -23.39
CA ARG A 150 24.81 -14.75 -23.42
C ARG A 150 24.94 -15.66 -24.64
N LEU A 151 23.83 -16.26 -25.08
CA LEU A 151 23.84 -17.13 -26.25
C LEU A 151 24.04 -16.33 -27.53
N TRP A 152 23.56 -15.08 -27.55
CA TRP A 152 23.72 -14.22 -28.72
C TRP A 152 25.04 -13.46 -28.72
N ASP A 153 25.63 -13.20 -27.56
CA ASP A 153 26.89 -12.48 -27.51
C ASP A 153 28.04 -13.41 -27.14
N LEU B 16 -22.90 -13.30 4.35
CA LEU B 16 -22.28 -14.37 5.13
C LEU B 16 -21.54 -15.34 4.21
N GLN B 17 -22.30 -16.27 3.64
CA GLN B 17 -21.75 -17.16 2.63
C GLN B 17 -21.20 -16.41 1.44
N LEU B 18 -21.79 -15.26 1.12
CA LEU B 18 -21.36 -14.47 -0.04
C LEU B 18 -19.89 -14.08 0.08
N VAL B 19 -19.48 -13.59 1.26
CA VAL B 19 -18.13 -13.06 1.41
C VAL B 19 -17.10 -14.18 1.33
N SER B 20 -17.43 -15.38 1.81
CA SER B 20 -16.54 -16.52 1.63
C SER B 20 -16.43 -16.91 0.16
N MET B 21 -17.54 -16.85 -0.57
CA MET B 21 -17.51 -17.08 -2.01
C MET B 21 -16.64 -16.05 -2.72
N ILE B 22 -16.68 -14.79 -2.27
CA ILE B 22 -15.81 -13.74 -2.80
C ILE B 22 -14.33 -14.09 -2.62
N ARG B 23 -14.01 -14.90 -1.62
CA ARG B 23 -12.60 -15.27 -1.43
C ARG B 23 -12.08 -16.17 -2.55
N GLU B 24 -12.95 -16.82 -3.32
CA GLU B 24 -12.49 -17.51 -4.52
C GLU B 24 -11.88 -16.52 -5.51
N GLY B 25 -12.54 -15.38 -5.72
CA GLY B 25 -11.98 -14.37 -6.61
C GLY B 25 -10.57 -13.96 -6.22
N GLU B 26 -10.32 -13.81 -4.92
CA GLU B 26 -8.96 -13.59 -4.45
C GLU B 26 -8.11 -14.85 -4.59
N ALA B 27 -8.66 -16.00 -4.22
CA ALA B 27 -7.92 -17.26 -4.31
C ALA B 27 -7.66 -17.65 -5.77
N ALA B 28 -8.73 -17.72 -6.57
CA ALA B 28 -8.55 -18.05 -7.98
C ALA B 28 -7.79 -16.97 -8.73
N GLY B 29 -7.85 -15.73 -8.25
CA GLY B 29 -7.16 -14.62 -8.88
C GLY B 29 -8.05 -13.81 -9.80
N ALA B 30 -9.30 -13.61 -9.39
CA ALA B 30 -10.24 -12.80 -10.17
C ALA B 30 -10.14 -11.33 -9.76
N CYS B 31 -10.38 -10.45 -10.73
CA CYS B 31 -10.26 -9.03 -10.48
C CYS B 31 -11.41 -8.55 -9.59
N PRO B 32 -11.11 -7.71 -8.59
CA PRO B 32 -12.19 -7.18 -7.74
C PRO B 32 -13.25 -6.40 -8.51
N GLU B 33 -12.85 -5.65 -9.55
CA GLU B 33 -13.84 -4.95 -10.37
C GLU B 33 -14.80 -5.91 -11.05
N GLU B 34 -14.28 -7.02 -11.61
CA GLU B 34 -15.16 -8.01 -12.24
C GLU B 34 -16.09 -8.64 -11.22
N ILE B 35 -15.58 -8.95 -10.03
CA ILE B 35 -16.41 -9.46 -8.95
C ILE B 35 -17.52 -8.47 -8.63
N PHE B 36 -17.16 -7.19 -8.49
CA PHE B 36 -18.12 -6.16 -8.13
C PHE B 36 -19.15 -5.96 -9.25
N SER B 37 -18.68 -5.81 -10.49
CA SER B 37 -19.61 -5.57 -11.59
C SER B 37 -20.57 -6.74 -11.78
N ALA B 38 -20.08 -7.97 -11.60
CA ALA B 38 -20.94 -9.14 -11.70
C ALA B 38 -21.98 -9.17 -10.58
N LEU B 39 -21.57 -8.86 -9.35
CA LEU B 39 -22.52 -8.87 -8.23
C LEU B 39 -23.63 -7.85 -8.42
N GLN B 40 -23.30 -6.67 -8.95
CA GLN B 40 -24.32 -5.66 -9.19
C GLN B 40 -25.22 -6.03 -10.35
N TYR B 41 -24.68 -6.69 -11.38
CA TYR B 41 -25.52 -7.24 -12.44
C TYR B 41 -26.43 -8.34 -11.92
N SER B 42 -26.06 -9.00 -10.82
CA SER B 42 -26.86 -10.04 -10.20
C SER B 42 -27.96 -9.47 -9.31
N GLY B 43 -28.07 -8.15 -9.19
CA GLY B 43 -28.95 -7.56 -8.20
C GLY B 43 -28.62 -7.95 -6.79
N THR B 44 -27.39 -8.41 -6.55
CA THR B 44 -26.96 -8.87 -5.24
C THR B 44 -26.37 -7.71 -4.44
N GLU B 45 -26.78 -7.59 -3.18
CA GLU B 45 -26.20 -6.60 -2.29
C GLU B 45 -24.73 -6.95 -2.05
N VAL B 46 -23.84 -6.05 -2.42
CA VAL B 46 -22.40 -6.29 -2.25
C VAL B 46 -22.01 -5.99 -0.80
N PRO B 47 -21.34 -6.90 -0.11
CA PRO B 47 -21.00 -6.66 1.31
C PRO B 47 -20.05 -5.47 1.44
N LEU B 48 -20.50 -4.47 2.21
CA LEU B 48 -19.69 -3.26 2.39
C LEU B 48 -18.35 -3.57 3.05
N GLN B 49 -18.29 -4.62 3.88
CA GLN B 49 -17.02 -5.00 4.50
C GLN B 49 -15.98 -5.37 3.45
N TRP B 50 -16.41 -5.98 2.34
CA TRP B 50 -15.46 -6.36 1.30
C TRP B 50 -14.99 -5.15 0.51
N LEU B 51 -15.91 -4.24 0.17
CA LEU B 51 -15.53 -3.05 -0.58
C LEU B 51 -14.50 -2.22 0.19
N ARG B 52 -14.75 -2.00 1.49
CA ARG B 52 -13.82 -1.24 2.31
C ARG B 52 -12.46 -1.91 2.36
N SER B 53 -12.43 -3.23 2.47
CA SER B 53 -11.18 -3.98 2.55
C SER B 53 -10.40 -3.99 1.25
N GLU B 54 -10.99 -3.54 0.14
CA GLU B 54 -10.30 -3.43 -1.13
C GLU B 54 -9.82 -2.01 -1.41
N LEU B 55 -9.77 -1.17 -0.40
CA LEU B 55 -9.20 0.17 -0.56
C LEU B 55 -7.73 0.15 -0.96
N PRO B 56 -6.85 -0.67 -0.35
CA PRO B 56 -5.45 -0.71 -0.83
C PRO B 56 -5.34 -1.08 -2.30
N TYR B 57 -6.23 -1.95 -2.79
CA TYR B 57 -6.23 -2.28 -4.21
C TYR B 57 -6.55 -1.06 -5.06
N VAL B 58 -7.54 -0.26 -4.65
CA VAL B 58 -7.90 0.93 -5.41
C VAL B 58 -6.76 1.94 -5.38
N LEU B 59 -6.07 2.07 -4.24
CA LEU B 59 -4.97 3.02 -4.15
C LEU B 59 -3.79 2.61 -5.03
N GLU B 60 -3.50 1.31 -5.09
CA GLU B 60 -2.48 0.85 -6.03
C GLU B 60 -2.92 1.07 -7.47
N MET B 61 -4.21 1.00 -7.75
CA MET B 61 -4.72 1.33 -9.08
C MET B 61 -4.49 2.80 -9.39
N VAL B 62 -4.76 3.68 -8.43
CA VAL B 62 -4.48 5.10 -8.62
C VAL B 62 -3.00 5.32 -8.87
N ALA B 63 -2.13 4.60 -8.14
CA ALA B 63 -0.70 4.83 -8.24
C ALA B 63 -0.15 4.35 -9.58
N GLU B 64 -0.63 3.21 -10.07
CA GLU B 64 -0.15 2.70 -11.35
C GLU B 64 -0.65 3.55 -12.51
N LEU B 65 -1.88 4.05 -12.42
CA LEU B 65 -2.40 4.95 -13.44
C LEU B 65 -1.63 6.27 -13.45
N ALA B 66 -1.22 6.75 -12.27
CA ALA B 66 -0.42 7.98 -12.19
C ALA B 66 0.95 7.78 -12.81
N GLY B 67 1.56 6.62 -12.60
CA GLY B 67 2.83 6.34 -13.23
C GLY B 67 2.74 6.29 -14.75
N GLN B 68 1.64 5.73 -15.26
CA GLN B 68 1.44 5.70 -16.71
C GLN B 68 1.23 7.10 -17.28
N GLN B 69 0.51 7.97 -16.56
CA GLN B 69 0.25 9.31 -17.06
C GLN B 69 1.53 10.12 -17.20
N ASP B 70 2.48 9.94 -16.30
CA ASP B 70 3.76 10.66 -16.34
C ASP B 70 4.83 9.75 -15.75
N PRO B 71 5.45 8.89 -16.56
CA PRO B 71 6.60 8.09 -16.06
C PRO B 71 7.77 8.93 -15.60
N GLY B 72 7.85 10.19 -15.99
CA GLY B 72 8.98 11.03 -15.59
C GLY B 72 8.93 11.55 -14.18
N LEU B 73 7.82 11.28 -13.48
CA LEU B 73 7.67 11.62 -12.07
C LEU B 73 7.97 10.46 -11.13
N GLY B 74 8.42 9.33 -11.65
CA GLY B 74 8.76 8.21 -10.79
C GLY B 74 7.56 7.46 -10.26
N ALA B 75 7.80 6.66 -9.22
CA ALA B 75 6.77 5.81 -8.63
C ALA B 75 6.01 6.57 -7.55
N PHE B 76 4.71 6.31 -7.47
CA PHE B 76 3.82 7.00 -6.54
C PHE B 76 3.55 6.14 -5.31
N SER B 77 3.62 6.76 -4.13
CA SER B 77 3.43 6.08 -2.85
C SER B 77 1.94 5.89 -2.56
N CYS B 78 1.67 4.92 -1.67
CA CYS B 78 0.29 4.69 -1.22
C CYS B 78 -0.28 5.92 -0.52
N GLN B 79 0.55 6.65 0.23
CA GLN B 79 0.07 7.84 0.92
C GLN B 79 -0.36 8.92 -0.06
N GLU B 80 0.42 9.14 -1.12
CA GLU B 80 0.06 10.17 -2.09
C GLU B 80 -1.19 9.81 -2.87
N ALA B 81 -1.35 8.53 -3.23
CA ALA B 81 -2.57 8.09 -3.88
C ALA B 81 -3.77 8.23 -2.95
N ARG B 82 -3.60 7.91 -1.66
CA ARG B 82 -4.69 7.98 -0.71
C ARG B 82 -5.21 9.41 -0.57
N ARG B 83 -4.30 10.40 -0.55
CA ARG B 83 -4.72 11.78 -0.39
C ARG B 83 -5.50 12.26 -1.60
N ALA B 84 -4.96 12.04 -2.80
CA ALA B 84 -5.68 12.40 -4.02
C ALA B 84 -7.03 11.71 -4.11
N TRP B 85 -7.04 10.39 -3.85
CA TRP B 85 -8.28 9.62 -3.98
C TRP B 85 -9.34 10.11 -2.99
N LEU B 86 -8.94 10.36 -1.73
CA LEU B 86 -9.88 10.87 -0.74
C LEU B 86 -10.38 12.26 -1.12
N ASP B 87 -9.47 13.16 -1.50
CA ASP B 87 -9.86 14.53 -1.82
C ASP B 87 -10.81 14.60 -3.01
N ARG B 88 -10.70 13.66 -3.94
CA ARG B 88 -11.55 13.65 -5.12
C ARG B 88 -12.73 12.69 -4.99
N HIS B 89 -12.98 12.17 -3.78
CA HIS B 89 -14.18 11.39 -3.47
C HIS B 89 -14.29 10.14 -4.35
N GLY B 90 -13.16 9.48 -4.58
CA GLY B 90 -13.15 8.23 -5.32
C GLY B 90 -13.28 8.37 -6.82
N ASN B 91 -13.42 9.60 -7.33
CA ASN B 91 -13.40 9.81 -8.77
C ASN B 91 -12.03 9.40 -9.31
N LEU B 92 -11.98 8.28 -10.03
CA LEU B 92 -10.70 7.67 -10.36
C LEU B 92 -9.86 8.58 -11.26
N ASP B 93 -10.49 9.16 -12.29
CA ASP B 93 -9.73 10.00 -13.22
C ASP B 93 -9.26 11.29 -12.56
N GLU B 94 -10.11 11.91 -11.75
CA GLU B 94 -9.70 13.10 -11.02
C GLU B 94 -8.62 12.78 -9.99
N ALA B 95 -8.69 11.60 -9.38
CA ALA B 95 -7.69 11.22 -8.38
C ALA B 95 -6.31 11.06 -9.01
N VAL B 96 -6.24 10.41 -10.16
CA VAL B 96 -4.96 10.28 -10.87
C VAL B 96 -4.42 11.64 -11.26
N GLU B 97 -5.30 12.53 -11.74
CA GLU B 97 -4.86 13.86 -12.16
C GLU B 97 -4.36 14.67 -10.96
N GLU B 98 -5.09 14.62 -9.84
CA GLU B 98 -4.62 15.29 -8.63
C GLU B 98 -3.31 14.68 -8.15
N CYS B 99 -3.20 13.36 -8.21
CA CYS B 99 -1.97 12.67 -7.83
C CYS B 99 -0.77 13.16 -8.63
N VAL B 100 -0.92 13.25 -9.96
CA VAL B 100 0.19 13.65 -10.81
C VAL B 100 0.58 15.10 -10.53
N ARG B 101 -0.40 16.00 -10.51
CA ARG B 101 -0.11 17.43 -10.33
C ARG B 101 0.59 17.68 -9.01
N THR B 102 0.15 17.01 -7.94
CA THR B 102 0.76 17.22 -6.62
C THR B 102 2.22 16.81 -6.61
N ARG B 103 2.54 15.66 -7.22
CA ARG B 103 3.93 15.24 -7.28
C ARG B 103 4.77 16.19 -8.12
N ARG B 104 4.25 16.58 -9.29
CA ARG B 104 4.98 17.53 -10.14
C ARG B 104 5.29 18.81 -9.37
N ARG B 105 4.39 19.22 -8.47
CA ARG B 105 4.66 20.39 -7.65
C ARG B 105 5.79 20.13 -6.64
N LYS B 106 5.84 18.94 -6.02
CA LYS B 106 6.88 18.65 -5.04
C LYS B 106 8.24 18.39 -5.71
N VAL B 107 8.27 17.73 -6.86
CA VAL B 107 9.56 17.55 -7.53
C VAL B 107 10.14 18.90 -7.91
N GLN B 108 9.29 19.86 -8.24
CA GLN B 108 9.77 21.20 -8.56
C GLN B 108 10.18 21.96 -7.31
N GLU B 109 9.43 21.79 -6.21
CA GLU B 109 9.84 22.36 -4.92
C GLU B 109 11.22 21.84 -4.53
N LEU B 110 11.43 20.53 -4.65
CA LEU B 110 12.75 19.97 -4.38
C LEU B 110 13.77 20.42 -5.41
N GLN B 111 13.37 20.52 -6.68
CA GLN B 111 14.27 21.04 -7.71
C GLN B 111 14.78 22.43 -7.35
N SER B 112 13.90 23.29 -6.83
CA SER B 112 14.28 24.65 -6.47
C SER B 112 15.28 24.70 -5.32
N LEU B 113 15.52 23.57 -4.64
CA LEU B 113 16.51 23.47 -3.58
C LEU B 113 17.72 22.63 -3.99
N GLY B 114 17.97 22.54 -5.30
CA GLY B 114 19.12 21.82 -5.81
C GLY B 114 19.02 20.32 -5.79
N PHE B 115 17.81 19.76 -5.71
CA PHE B 115 17.59 18.31 -5.69
C PHE B 115 16.61 17.94 -6.80
N GLY B 116 17.14 17.66 -7.98
CA GLY B 116 16.33 17.24 -9.10
C GLY B 116 16.19 15.73 -9.16
N PRO B 117 15.47 15.23 -10.17
CA PRO B 117 15.36 13.77 -10.34
C PRO B 117 16.71 13.09 -10.48
N GLU B 118 17.70 13.73 -11.09
CA GLU B 118 19.01 13.11 -11.24
C GLU B 118 19.72 12.96 -9.90
N GLU B 119 19.38 13.80 -8.92
CA GLU B 119 19.96 13.72 -7.59
C GLU B 119 19.22 12.74 -6.66
N GLY B 120 18.16 12.10 -7.15
CA GLY B 120 17.42 11.15 -6.36
C GLY B 120 16.17 11.67 -5.68
N SER B 121 15.59 12.78 -6.17
CA SER B 121 14.42 13.34 -5.51
C SER B 121 13.18 12.49 -5.74
N LEU B 122 13.06 11.89 -6.92
CA LEU B 122 11.90 11.05 -7.22
C LEU B 122 11.82 9.85 -6.28
N GLN B 123 12.96 9.23 -5.99
CA GLN B 123 12.97 8.08 -5.10
C GLN B 123 12.76 8.48 -3.65
N ALA B 124 13.25 9.66 -3.25
CA ALA B 124 13.05 10.14 -1.89
C ALA B 124 11.61 10.51 -1.62
N LEU B 125 10.90 11.05 -2.61
CA LEU B 125 9.49 11.35 -2.44
C LEU B 125 8.67 10.08 -2.32
N PHE B 126 9.05 9.04 -3.07
CA PHE B 126 8.37 7.75 -2.96
C PHE B 126 8.59 7.13 -1.58
N GLN B 127 9.85 7.11 -1.12
CA GLN B 127 10.18 6.46 0.14
C GLN B 127 9.53 7.13 1.35
N HIS B 128 9.10 8.38 1.22
CA HIS B 128 8.60 9.14 2.36
C HIS B 128 7.16 9.63 2.13
N GLY B 129 6.40 8.90 1.32
CA GLY B 129 4.99 9.19 1.13
C GLY B 129 4.68 10.57 0.59
N GLY B 130 5.66 11.22 -0.03
CA GLY B 130 5.45 12.54 -0.60
C GLY B 130 5.66 13.71 0.33
N ASP B 131 6.17 13.50 1.54
CA ASP B 131 6.48 14.62 2.43
C ASP B 131 7.77 15.29 1.96
N VAL B 132 7.70 16.58 1.65
CA VAL B 132 8.87 17.30 1.16
C VAL B 132 9.92 17.41 2.25
N SER B 133 9.50 17.65 3.49
CA SER B 133 10.44 17.83 4.60
C SER B 133 11.25 16.56 4.85
N ARG B 134 10.56 15.42 4.96
CA ARG B 134 11.24 14.14 5.12
C ARG B 134 12.09 13.77 3.92
N ALA B 135 11.65 14.13 2.70
CA ALA B 135 12.45 13.85 1.52
C ALA B 135 13.70 14.72 1.48
N LEU B 136 13.56 16.00 1.85
CA LEU B 136 14.72 16.89 1.89
C LEU B 136 15.75 16.42 2.90
N THR B 137 15.28 15.96 4.07
CA THR B 137 16.20 15.45 5.10
C THR B 137 16.93 14.21 4.61
N GLU B 138 16.24 13.34 3.88
CA GLU B 138 16.88 12.14 3.33
C GLU B 138 17.88 12.50 2.25
N LEU B 139 17.56 13.51 1.43
CA LEU B 139 18.47 13.91 0.35
C LEU B 139 19.72 14.58 0.89
N GLN B 140 19.59 15.36 1.95
CA GLN B 140 20.77 15.95 2.60
C GLN B 140 21.72 14.86 3.08
N ARG B 141 21.19 13.81 3.71
CA ARG B 141 22.04 12.71 4.14
C ARG B 141 22.75 12.05 2.97
N GLN B 142 22.05 11.89 1.85
CA GLN B 142 22.63 11.20 0.70
C GLN B 142 23.69 12.02 -0.02
N ARG B 143 23.79 13.32 0.27
CA ARG B 143 24.92 14.13 -0.19
C ARG B 143 26.10 14.09 0.77
N LEU B 144 25.81 13.90 2.07
CA LEU B 144 26.83 14.01 3.11
C LEU B 144 27.64 12.72 3.25
N GLU B 145 27.00 11.56 3.09
CA GLU B 145 27.72 10.31 3.29
C GLU B 145 28.76 10.03 2.21
N PRO B 146 28.47 10.25 0.92
CA PRO B 146 29.55 10.17 -0.08
C PRO B 146 30.73 11.07 0.26
N PHE B 147 30.46 12.26 0.81
CA PHE B 147 31.54 13.14 1.23
C PHE B 147 32.29 12.59 2.43
N ARG B 148 31.55 12.06 3.42
CA ARG B 148 32.17 11.53 4.63
C ARG B 148 33.16 10.40 4.33
N GLN B 149 32.79 9.47 3.44
CA GLN B 149 33.63 8.32 3.13
C GLN B 149 34.68 8.59 2.06
N ARG B 150 34.51 9.64 1.26
CA ARG B 150 35.57 10.01 0.32
C ARG B 150 36.63 10.86 1.03
N LEU B 151 36.20 11.64 2.02
CA LEU B 151 37.14 12.44 2.81
C LEU B 151 38.01 11.56 3.69
N TRP B 152 37.50 10.40 4.13
CA TRP B 152 38.25 9.50 4.98
C TRP B 152 39.11 8.51 4.18
N ASP B 153 38.72 8.19 2.96
CA ASP B 153 39.47 7.27 2.10
C ASP B 153 40.19 8.03 0.97
N ASP C 1 -13.77 -2.33 -19.35
CA ASP C 1 -12.94 -2.49 -18.17
C ASP C 1 -12.57 -1.16 -17.50
N PRO C 2 -12.18 -0.13 -18.25
CA PRO C 2 -12.03 1.20 -17.62
C PRO C 2 -13.30 1.67 -16.96
N ALA C 3 -14.46 1.34 -17.52
CA ALA C 3 -15.72 1.60 -16.82
C ALA C 3 -15.81 0.79 -15.54
N MET C 4 -15.26 -0.43 -15.50
CA MET C 4 -15.32 -1.22 -14.28
C MET C 4 -14.42 -0.66 -13.19
N GLN C 5 -13.21 -0.21 -13.54
CA GLN C 5 -12.33 0.38 -12.55
C GLN C 5 -12.91 1.67 -11.97
N ARG C 6 -13.51 2.50 -12.84
CA ARG C 6 -14.12 3.74 -12.37
C ARG C 6 -15.30 3.46 -11.44
N CYS C 7 -16.14 2.48 -11.80
CA CYS C 7 -17.24 2.09 -10.93
C CYS C 7 -16.73 1.58 -9.59
N PHE C 8 -15.68 0.74 -9.61
CA PHE C 8 -15.16 0.17 -8.37
C PHE C 8 -14.62 1.26 -7.45
N SER C 9 -13.80 2.18 -8.00
CA SER C 9 -13.24 3.26 -7.20
C SER C 9 -14.34 4.06 -6.52
N ALA C 10 -15.38 4.43 -7.27
CA ALA C 10 -16.49 5.17 -6.69
C ALA C 10 -17.23 4.35 -5.65
N ALA C 11 -17.45 3.05 -5.93
CA ALA C 11 -18.15 2.21 -4.98
C ALA C 11 -17.35 2.03 -3.69
N VAL C 12 -16.03 1.88 -3.81
CA VAL C 12 -15.22 1.72 -2.62
C VAL C 12 -15.24 3.00 -1.77
N TYR C 13 -15.31 4.17 -2.42
CA TYR C 13 -15.39 5.41 -1.64
C TYR C 13 -16.71 5.52 -0.88
N CYS C 14 -17.81 5.16 -1.54
CA CYS C 14 -19.11 5.19 -0.85
C CYS C 14 -19.09 4.27 0.37
N ALA C 15 -18.52 3.07 0.23
CA ALA C 15 -18.45 2.14 1.35
C ALA C 15 -17.55 2.69 2.46
N ILE C 16 -16.40 3.26 2.09
CA ILE C 16 -15.49 3.82 3.08
C ILE C 16 -16.16 4.96 3.84
N SER C 17 -16.89 5.81 3.13
CA SER C 17 -17.51 6.99 3.75
C SER C 17 -18.87 6.64 4.33
N ASP D 1 2.92 2.88 23.54
CA ASP D 1 2.80 3.02 22.08
C ASP D 1 2.51 1.71 21.34
N PRO D 2 3.22 0.62 21.66
CA PRO D 2 2.80 -0.68 21.10
C PRO D 2 1.36 -1.03 21.44
N ALA D 3 0.87 -0.64 22.60
CA ALA D 3 -0.55 -0.80 22.91
C ALA D 3 -1.43 0.06 22.01
N MET D 4 -0.93 1.23 21.63
CA MET D 4 -1.69 2.14 20.77
C MET D 4 -1.80 1.58 19.35
N GLN D 5 -0.72 0.98 18.84
CA GLN D 5 -0.76 0.34 17.54
C GLN D 5 -1.74 -0.84 17.54
N ARG D 6 -1.74 -1.63 18.61
CA ARG D 6 -2.66 -2.77 18.69
C ARG D 6 -4.11 -2.29 18.75
N CYS D 7 -4.39 -1.25 19.55
CA CYS D 7 -5.73 -0.69 19.60
C CYS D 7 -6.16 -0.16 18.25
N PHE D 8 -5.27 0.54 17.56
CA PHE D 8 -5.63 1.12 16.27
C PHE D 8 -6.00 0.01 15.28
N SER D 9 -5.15 -1.02 15.18
CA SER D 9 -5.40 -2.12 14.27
C SER D 9 -6.77 -2.76 14.55
N ALA D 10 -7.06 -3.03 15.83
CA ALA D 10 -8.36 -3.61 16.17
C ALA D 10 -9.50 -2.65 15.85
N ALA D 11 -9.31 -1.36 16.14
CA ALA D 11 -10.36 -0.38 15.85
C ALA D 11 -10.60 -0.24 14.35
N VAL D 12 -9.53 -0.25 13.55
CA VAL D 12 -9.71 -0.14 12.11
C VAL D 12 -10.45 -1.35 11.55
N TYR D 13 -10.20 -2.54 12.13
CA TYR D 13 -10.94 -3.72 11.66
C TYR D 13 -12.41 -3.64 12.02
N CYS D 14 -12.72 -3.18 13.24
CA CYS D 14 -14.12 -3.00 13.60
C CYS D 14 -14.81 -2.03 12.66
N ALA D 15 -14.13 -0.93 12.30
CA ALA D 15 -14.71 0.04 11.39
C ALA D 15 -14.91 -0.56 10.00
N ILE D 16 -13.94 -1.33 9.52
CA ILE D 16 -14.07 -1.95 8.20
C ILE D 16 -15.27 -2.89 8.17
N SER D 17 -15.48 -3.63 9.25
CA SER D 17 -16.54 -4.63 9.31
C SER D 17 -17.87 -4.02 9.72
N NH2 E . -19.73 5.53 4.07
CA WHL F . -22.25 2.16 -6.32
CB WHL F . -21.86 2.04 -7.65
NB WHL F . -20.92 2.94 -9.62
OB WHL F . -21.65 1.56 -3.49
CG WHL F . -22.24 2.62 -3.33
CD WHL F . -21.10 4.31 -7.62
CE WHL F . -21.49 4.44 -6.30
CH WHL F . -22.80 3.02 -1.99
CC WHL F . -21.28 3.11 -8.32
CF WHL F . -22.05 3.36 -5.63
CJ WHL F . -20.34 3.84 -10.44
CK WHL F . -20.08 3.33 -11.82
NA WHL F . -22.46 3.51 -4.30
OA WHL F . -20.06 4.99 -10.14
N NH2 G . -18.03 -3.36 10.98
CA WHL H . -11.80 -1.98 19.39
CB WHL H . -10.68 -1.80 20.21
NB WHL H . -9.47 -0.35 21.78
OB WHL H . -13.79 0.80 17.34
CG WHL H . -14.36 -0.24 17.63
CD WHL H . -11.49 0.37 20.86
CE WHL H . -12.61 0.19 20.05
CH WHL H . -15.67 -0.65 17.01
CC WHL H . -10.53 -0.62 20.95
CF WHL H . -12.75 -0.97 19.30
CJ WHL H . -8.41 -1.13 22.05
CK WHL H . -7.46 -0.49 23.02
NA WHL H . -13.91 -1.11 18.52
OA WHL H . -8.22 -2.24 21.58
#